data_1WQ1
#
_entry.id   1WQ1
#
_cell.length_a   71.900
_cell.length_b   41.100
_cell.length_c   89.000
_cell.angle_alpha   90.00
_cell.angle_beta   108.40
_cell.angle_gamma   90.00
#
_symmetry.space_group_name_H-M   'P 1 21 1'
#
loop_
_entity.id
_entity.type
_entity.pdbx_description
1 polymer H-RAS
2 polymer P120GAP
3 non-polymer 'MAGNESIUM ION'
4 non-polymer "GUANOSINE-5'-DIPHOSPHATE"
5 non-polymer 'ALUMINUM FLUORIDE'
6 water water
#
loop_
_entity_poly.entity_id
_entity_poly.type
_entity_poly.pdbx_seq_one_letter_code
_entity_poly.pdbx_strand_id
1 'polypeptide(L)'
;MTEYKLVVVGAGGVGKSALTIQLIQNHFVDEYDPTIEDSYRKQVVIDGETCLLDILDTAGQEEYSAMRDQYMRTGEGFLC
VFAINNTKSFEDIHQYREQIKRVKDSDDVPMVLVGNKCDLAARTVESRQAQDLARSYGIPYIETSAKTRQGVEDAFYTLV
REIRQH
;
R
2 'polypeptide(L)'
;MEKIMPEEEYSEFKELILQKELHVVYALSHVCGQDRTLLASILLRIFLHEKLESLLLCTLNDREISMEDEATTLFRATTL
ASTLMEQYMKATATQFVHHALKDSILKIMESKQSCELSPSKLEKNEDVNTNLTHLLNILSELVEKIFMASEILPPTLRYI
YGCLQKSVQHKWPTNTTMRTRVVSGFVFLRLICPAILNPRMFNIISDSPSPIAARTLILVAKSVQNLANLVEFGAKEPYM
EGVNPFIKSNKHRMIMFLDELGNVPELPDTTEHSRTDLSRDLAALHEICVAHSDELRTLSNERGAQQHVLKKLLAITELL
QQKQNQYTKTNDVR
;
G
#
# COMPACT_ATOMS: atom_id res chain seq x y z
N MET A 1 -23.16 11.08 -25.67
CA MET A 1 -21.87 11.78 -25.96
C MET A 1 -20.67 10.87 -25.71
N THR A 2 -19.48 11.43 -25.85
CA THR A 2 -18.24 10.65 -25.78
C THR A 2 -17.70 10.55 -24.35
N GLU A 3 -17.54 9.32 -23.88
CA GLU A 3 -16.95 9.07 -22.56
C GLU A 3 -15.49 8.64 -22.66
N TYR A 4 -14.67 9.06 -21.69
CA TYR A 4 -13.31 8.56 -21.54
C TYR A 4 -13.10 7.95 -20.17
N LYS A 5 -12.70 6.68 -20.15
CA LYS A 5 -12.41 5.99 -18.91
C LYS A 5 -10.92 6.16 -18.56
N LEU A 6 -10.61 7.24 -17.85
CA LEU A 6 -9.24 7.48 -17.38
C LEU A 6 -9.01 6.71 -16.09
N VAL A 7 -7.78 6.26 -15.87
CA VAL A 7 -7.45 5.55 -14.65
C VAL A 7 -6.19 6.17 -14.07
N VAL A 8 -6.22 6.46 -12.77
CA VAL A 8 -5.08 7.09 -12.12
C VAL A 8 -4.35 6.06 -11.28
N VAL A 9 -3.05 5.91 -11.54
CA VAL A 9 -2.23 4.89 -10.87
C VAL A 9 -0.87 5.43 -10.47
N GLY A 10 -0.26 4.73 -9.53
CA GLY A 10 0.98 5.18 -8.91
C GLY A 10 1.07 4.63 -7.50
N ALA A 11 2.20 4.87 -6.84
CA ALA A 11 2.42 4.34 -5.50
C ALA A 11 1.49 5.00 -4.50
N GLY A 12 1.48 4.49 -3.27
CA GLY A 12 0.64 5.06 -2.23
C GLY A 12 1.22 6.35 -1.71
N GLY A 13 0.38 7.38 -1.57
CA GLY A 13 0.83 8.63 -1.01
C GLY A 13 1.50 9.56 -2.01
N VAL A 14 1.38 9.24 -3.30
CA VAL A 14 1.98 10.05 -4.34
C VAL A 14 1.09 11.22 -4.75
N GLY A 15 -0.22 11.09 -4.54
CA GLY A 15 -1.10 12.21 -4.81
C GLY A 15 -2.05 12.01 -5.97
N LYS A 16 -2.42 10.75 -6.23
CA LYS A 16 -3.44 10.45 -7.22
C LYS A 16 -4.79 11.06 -6.80
N SER A 17 -5.21 10.77 -5.57
CA SER A 17 -6.46 11.32 -5.02
C SER A 17 -6.45 12.85 -5.07
N ALA A 18 -5.37 13.45 -4.58
CA ALA A 18 -5.22 14.90 -4.55
C ALA A 18 -5.32 15.49 -5.95
N LEU A 19 -4.69 14.82 -6.92
CA LEU A 19 -4.78 15.23 -8.32
C LEU A 19 -6.21 15.23 -8.83
N THR A 20 -6.90 14.11 -8.61
CA THR A 20 -8.23 13.92 -9.14
C THR A 20 -9.23 14.90 -8.53
N ILE A 21 -9.11 15.17 -7.24
CA ILE A 21 -10.06 16.03 -6.53
C ILE A 21 -9.85 17.50 -6.83
N GLN A 22 -8.60 17.90 -6.99
CA GLN A 22 -8.29 19.24 -7.48
C GLN A 22 -8.87 19.44 -8.89
N LEU A 23 -8.98 18.35 -9.65
CA LEU A 23 -9.66 18.43 -10.93
C LEU A 23 -11.16 18.46 -10.75
N ILE A 24 -11.69 17.50 -9.97
CA ILE A 24 -13.14 17.36 -9.83
C ILE A 24 -13.74 18.51 -9.03
N GLN A 25 -13.15 18.79 -7.88
CA GLN A 25 -13.76 19.66 -6.87
C GLN A 25 -13.09 21.02 -6.66
N ASN A 26 -11.96 21.23 -7.31
CA ASN A 26 -11.32 22.56 -7.33
C ASN A 26 -10.78 23.02 -5.97
N HIS A 27 -10.15 22.11 -5.23
CA HIS A 27 -9.50 22.48 -3.98
C HIS A 27 -8.47 21.44 -3.55
N PHE A 28 -7.58 21.84 -2.64
CA PHE A 28 -6.54 20.94 -2.15
C PHE A 28 -6.94 20.22 -0.86
N VAL A 29 -6.87 18.90 -0.92
CA VAL A 29 -7.09 18.03 0.25
C VAL A 29 -5.78 17.62 0.93
N ASP A 30 -5.51 18.20 2.10
CA ASP A 30 -4.36 17.76 2.90
C ASP A 30 -4.79 17.01 4.15
N GLU A 31 -5.06 15.71 4.00
CA GLU A 31 -5.36 14.86 5.15
C GLU A 31 -5.17 13.39 4.83
N TYR A 32 -4.96 12.59 5.88
CA TYR A 32 -4.79 11.14 5.74
C TYR A 32 -6.09 10.45 5.34
N ASP A 33 -6.10 9.90 4.13
CA ASP A 33 -7.25 9.19 3.63
C ASP A 33 -6.85 8.29 2.47
N PRO A 34 -6.16 7.19 2.78
CA PRO A 34 -5.80 6.17 1.79
C PRO A 34 -7.02 5.64 1.07
N THR A 35 -6.87 5.40 -0.24
CA THR A 35 -7.97 5.04 -1.13
C THR A 35 -8.13 3.52 -1.22
N ILE A 36 -9.32 3.08 -1.59
CA ILE A 36 -9.56 1.70 -1.99
C ILE A 36 -9.89 1.69 -3.47
N GLU A 37 -10.85 2.54 -3.84
CA GLU A 37 -11.22 2.75 -5.22
C GLU A 37 -12.39 3.70 -5.22
N ASP A 38 -12.11 4.97 -5.49
CA ASP A 38 -13.16 5.97 -5.60
C ASP A 38 -13.37 6.28 -7.09
N SER A 39 -14.61 6.52 -7.49
CA SER A 39 -14.91 6.87 -8.87
C SER A 39 -15.71 8.15 -9.04
N TYR A 40 -15.26 9.00 -9.96
CA TYR A 40 -15.86 10.30 -10.19
C TYR A 40 -16.25 10.41 -11.65
N ARG A 41 -17.36 11.06 -11.92
CA ARG A 41 -17.68 11.47 -13.28
C ARG A 41 -17.72 13.00 -13.37
N LYS A 42 -17.29 13.52 -14.50
CA LYS A 42 -17.32 14.96 -14.76
C LYS A 42 -17.26 15.27 -16.24
N GLN A 43 -18.38 15.74 -16.76
CA GLN A 43 -18.47 16.26 -18.13
C GLN A 43 -17.73 17.59 -18.27
N VAL A 44 -16.81 17.64 -19.22
CA VAL A 44 -16.02 18.84 -19.47
C VAL A 44 -15.93 19.13 -20.96
N VAL A 45 -15.20 20.18 -21.30
CA VAL A 45 -14.95 20.53 -22.69
C VAL A 45 -13.44 20.66 -22.93
N ILE A 46 -12.90 19.83 -23.81
CA ILE A 46 -11.48 19.88 -24.16
C ILE A 46 -11.32 20.07 -25.67
N ASP A 47 -10.79 21.23 -26.06
CA ASP A 47 -10.54 21.55 -27.45
C ASP A 47 -11.82 21.60 -28.28
N GLY A 48 -12.83 22.26 -27.74
CA GLY A 48 -14.10 22.37 -28.43
C GLY A 48 -15.02 21.17 -28.26
N GLU A 49 -14.47 20.01 -27.91
CA GLU A 49 -15.27 18.79 -27.79
C GLU A 49 -15.89 18.65 -26.41
N THR A 50 -17.22 18.56 -26.37
CA THR A 50 -17.92 18.24 -25.14
C THR A 50 -17.83 16.73 -24.90
N CYS A 51 -17.28 16.37 -23.74
CA CYS A 51 -17.01 14.97 -23.43
C CYS A 51 -17.15 14.71 -21.93
N LEU A 52 -17.16 13.42 -21.60
CA LEU A 52 -17.36 12.99 -20.24
C LEU A 52 -16.23 12.11 -19.72
N LEU A 53 -15.58 12.58 -18.66
CA LEU A 53 -14.55 11.80 -17.99
C LEU A 53 -15.19 10.89 -16.95
N ASP A 54 -14.91 9.61 -17.08
CA ASP A 54 -15.16 8.65 -16.01
C ASP A 54 -13.79 8.35 -15.39
N ILE A 55 -13.47 9.03 -14.29
CA ILE A 55 -12.16 8.89 -13.66
C ILE A 55 -12.16 7.87 -12.54
N LEU A 56 -11.25 6.91 -12.63
CA LEU A 56 -11.09 5.94 -11.56
C LEU A 56 -9.83 6.25 -10.81
N ASP A 57 -9.95 6.27 -9.48
CA ASP A 57 -8.84 6.54 -8.59
C ASP A 57 -8.59 5.24 -7.83
N THR A 58 -7.34 4.81 -7.77
CA THR A 58 -7.06 3.48 -7.26
C THR A 58 -6.18 3.50 -6.01
N ALA A 59 -5.96 2.31 -5.45
CA ALA A 59 -5.03 2.12 -4.34
C ALA A 59 -3.67 1.67 -4.86
N GLY A 60 -2.63 2.37 -4.41
CA GLY A 60 -1.29 2.11 -4.91
C GLY A 60 -0.56 0.97 -4.20
N GLN A 61 -1.06 0.55 -3.04
CA GLN A 61 -0.37 -0.43 -2.21
C GLN A 61 -0.22 -1.79 -2.87
N GLU A 62 0.94 -2.42 -2.70
CA GLU A 62 1.25 -3.69 -3.35
C GLU A 62 0.23 -4.76 -2.99
N GLU A 63 -0.41 -4.58 -1.84
CA GLU A 63 -1.44 -5.49 -1.34
C GLU A 63 -2.67 -5.51 -2.25
N TYR A 64 -2.89 -4.42 -2.99
CA TYR A 64 -4.06 -4.28 -3.86
C TYR A 64 -3.76 -4.61 -5.33
N SER A 65 -2.59 -5.17 -5.61
CA SER A 65 -2.34 -5.75 -6.93
C SER A 65 -3.30 -6.92 -7.12
N ALA A 66 -3.38 -7.45 -8.33
CA ALA A 66 -4.35 -8.49 -8.65
C ALA A 66 -5.77 -7.93 -8.71
N MET A 67 -6.10 -7.08 -7.74
CA MET A 67 -7.26 -6.22 -7.84
C MET A 67 -6.99 -5.13 -8.86
N ARG A 68 -5.75 -5.08 -9.31
CA ARG A 68 -5.32 -4.16 -10.36
C ARG A 68 -5.90 -4.55 -11.72
N ASP A 69 -6.00 -5.85 -11.97
CA ASP A 69 -6.25 -6.38 -13.31
C ASP A 69 -7.58 -5.95 -13.92
N GLN A 70 -8.61 -5.85 -13.08
CA GLN A 70 -9.95 -5.56 -13.55
C GLN A 70 -10.09 -4.13 -14.05
N TYR A 71 -9.62 -3.17 -13.28
CA TYR A 71 -9.78 -1.78 -13.65
C TYR A 71 -8.87 -1.39 -14.81
N MET A 72 -7.75 -2.08 -14.94
CA MET A 72 -6.87 -1.88 -16.09
C MET A 72 -7.53 -2.33 -17.39
N ARG A 73 -8.14 -3.51 -17.35
CA ARG A 73 -8.81 -4.09 -18.51
C ARG A 73 -9.85 -3.15 -19.12
N THR A 74 -10.60 -2.45 -18.28
CA THR A 74 -11.66 -1.56 -18.75
C THR A 74 -11.15 -0.15 -19.07
N GLY A 75 -10.01 0.20 -18.48
CA GLY A 75 -9.48 1.54 -18.65
C GLY A 75 -9.19 1.88 -20.10
N GLU A 76 -9.22 3.18 -20.41
CA GLU A 76 -8.82 3.64 -21.73
C GLU A 76 -7.45 4.33 -21.67
N GLY A 77 -7.31 5.29 -20.77
CA GLY A 77 -6.02 5.93 -20.56
C GLY A 77 -5.54 5.88 -19.12
N PHE A 78 -4.23 5.95 -18.95
CA PHE A 78 -3.61 5.81 -17.63
C PHE A 78 -2.68 6.97 -17.29
N LEU A 79 -3.00 7.71 -16.24
CA LEU A 79 -2.04 8.63 -15.65
C LEU A 79 -1.17 7.78 -14.78
N CYS A 80 0.13 7.84 -14.97
CA CYS A 80 1.05 7.10 -14.12
C CYS A 80 1.82 8.07 -13.27
N VAL A 81 1.45 8.13 -12.00
CA VAL A 81 1.92 9.19 -11.12
C VAL A 81 2.99 8.72 -10.14
N PHE A 82 3.96 9.60 -9.91
CA PHE A 82 4.96 9.42 -8.85
C PHE A 82 5.23 10.77 -8.21
N ALA A 83 6.07 10.78 -7.19
CA ALA A 83 6.43 12.01 -6.49
C ALA A 83 7.89 12.32 -6.66
N ILE A 84 8.17 13.58 -6.98
CA ILE A 84 9.52 14.03 -7.30
C ILE A 84 10.48 14.03 -6.12
N ASN A 85 9.92 13.96 -4.92
CA ASN A 85 10.69 13.88 -3.67
C ASN A 85 10.75 12.45 -3.16
N ASN A 86 10.05 11.55 -3.83
CA ASN A 86 10.07 10.13 -3.47
C ASN A 86 10.53 9.30 -4.66
N THR A 87 11.83 9.01 -4.70
CA THR A 87 12.44 8.31 -5.83
C THR A 87 11.93 6.89 -5.99
N LYS A 88 11.64 6.25 -4.87
CA LYS A 88 11.19 4.86 -4.90
C LYS A 88 9.86 4.74 -5.63
N SER A 89 9.04 5.78 -5.54
CA SER A 89 7.78 5.86 -6.30
C SER A 89 8.07 5.92 -7.78
N PHE A 90 9.18 6.59 -8.12
CA PHE A 90 9.62 6.77 -9.50
C PHE A 90 10.00 5.45 -10.15
N GLU A 91 10.72 4.61 -9.41
CA GLU A 91 11.11 3.29 -9.91
C GLU A 91 9.94 2.31 -10.00
N ASP A 92 8.89 2.56 -9.22
CA ASP A 92 7.69 1.72 -9.26
C ASP A 92 6.93 1.92 -10.55
N ILE A 93 7.07 3.10 -11.15
CA ILE A 93 6.36 3.44 -12.38
C ILE A 93 6.51 2.34 -13.43
N HIS A 94 7.70 1.76 -13.50
CA HIS A 94 7.98 0.69 -14.46
C HIS A 94 6.97 -0.44 -14.34
N GLN A 95 6.73 -0.89 -13.11
CA GLN A 95 5.88 -2.04 -12.87
C GLN A 95 4.42 -1.84 -13.29
N TYR A 96 3.91 -0.63 -13.11
CA TYR A 96 2.57 -0.31 -13.56
C TYR A 96 2.52 -0.34 -15.07
N ARG A 97 3.54 0.24 -15.70
CA ARG A 97 3.67 0.29 -17.15
C ARG A 97 3.67 -1.10 -17.78
N GLU A 98 4.40 -2.02 -17.19
CA GLU A 98 4.51 -3.38 -17.74
C GLU A 98 3.22 -4.18 -17.53
N GLN A 99 2.60 -4.01 -16.37
CA GLN A 99 1.36 -4.69 -16.08
C GLN A 99 0.25 -4.21 -17.01
N ILE A 100 0.14 -2.89 -17.18
CA ILE A 100 -0.84 -2.29 -18.06
C ILE A 100 -0.69 -2.84 -19.48
N LYS A 101 0.55 -3.02 -19.91
CA LYS A 101 0.86 -3.58 -21.22
C LYS A 101 0.37 -5.03 -21.33
N ARG A 102 0.59 -5.79 -20.26
CA ARG A 102 0.25 -7.21 -20.26
C ARG A 102 -1.26 -7.44 -20.40
N VAL A 103 -2.03 -6.78 -19.54
CA VAL A 103 -3.46 -7.06 -19.42
C VAL A 103 -4.26 -6.66 -20.65
N LYS A 104 -3.74 -5.70 -21.41
CA LYS A 104 -4.44 -5.21 -22.59
C LYS A 104 -3.87 -5.77 -23.90
N ASP A 105 -2.78 -6.53 -23.80
CA ASP A 105 -2.11 -7.12 -24.97
C ASP A 105 -1.61 -6.08 -26.00
N SER A 106 -0.82 -5.11 -25.55
CA SER A 106 -0.28 -4.09 -26.45
C SER A 106 0.92 -3.37 -25.84
N ASP A 107 1.67 -2.66 -26.68
CA ASP A 107 2.91 -2.01 -26.26
C ASP A 107 2.84 -0.49 -26.43
N ASP A 108 1.79 -0.01 -27.07
CA ASP A 108 1.58 1.43 -27.20
C ASP A 108 0.18 1.79 -26.72
N VAL A 109 0.07 1.88 -25.39
CA VAL A 109 -1.21 2.11 -24.71
C VAL A 109 -1.25 3.57 -24.26
N PRO A 110 -2.43 4.20 -24.31
CA PRO A 110 -2.54 5.63 -24.00
C PRO A 110 -2.11 5.93 -22.58
N MET A 111 -0.95 6.56 -22.46
CA MET A 111 -0.29 6.76 -21.19
C MET A 111 0.24 8.18 -21.13
N VAL A 112 0.27 8.74 -19.92
CA VAL A 112 0.91 10.02 -19.64
C VAL A 112 1.66 9.82 -18.33
N LEU A 113 2.86 10.39 -18.24
CA LEU A 113 3.67 10.30 -17.02
C LEU A 113 3.57 11.60 -16.23
N VAL A 114 3.07 11.51 -15.00
CA VAL A 114 2.89 12.69 -14.19
C VAL A 114 3.82 12.69 -12.99
N GLY A 115 4.58 13.77 -12.84
CA GLY A 115 5.45 13.94 -11.70
C GLY A 115 4.83 14.93 -10.72
N ASN A 116 4.34 14.41 -9.60
CA ASN A 116 3.59 15.23 -8.66
C ASN A 116 4.46 15.70 -7.50
N LYS A 117 4.09 16.87 -6.95
CA LYS A 117 4.72 17.49 -5.77
C LYS A 117 5.91 18.36 -6.13
N CYS A 118 5.80 19.04 -7.26
CA CYS A 118 6.90 19.83 -7.80
C CYS A 118 7.02 21.19 -7.11
N ASP A 119 6.03 21.49 -6.26
CA ASP A 119 6.07 22.70 -5.42
C ASP A 119 7.11 22.56 -4.31
N LEU A 120 7.47 21.31 -4.01
CA LEU A 120 8.47 21.01 -2.99
C LEU A 120 9.87 21.42 -3.41
N ALA A 121 10.66 21.87 -2.45
CA ALA A 121 12.06 22.18 -2.70
C ALA A 121 12.87 20.89 -2.69
N ALA A 122 12.59 20.03 -1.71
CA ALA A 122 13.34 18.80 -1.55
C ALA A 122 13.01 17.77 -2.62
N ARG A 123 13.57 17.96 -3.82
CA ARG A 123 13.29 17.08 -4.94
C ARG A 123 14.46 16.18 -5.25
N THR A 124 14.19 14.88 -5.34
CA THR A 124 15.22 13.88 -5.55
C THR A 124 15.18 13.27 -6.96
N VAL A 125 14.07 13.49 -7.67
CA VAL A 125 13.94 13.01 -9.04
C VAL A 125 13.89 14.18 -10.04
N GLU A 126 14.93 14.29 -10.85
CA GLU A 126 15.13 15.42 -11.75
C GLU A 126 14.16 15.38 -12.91
N SER A 127 13.70 16.56 -13.34
CA SER A 127 12.78 16.68 -14.47
C SER A 127 13.28 15.94 -15.70
N ARG A 128 14.59 15.90 -15.88
CA ARG A 128 15.19 15.38 -17.11
C ARG A 128 15.09 13.87 -17.23
N GLN A 129 15.45 13.16 -16.16
CA GLN A 129 15.42 11.69 -16.20
C GLN A 129 13.99 11.16 -16.28
N ALA A 130 13.04 11.97 -15.82
CA ALA A 130 11.62 11.69 -16.00
C ALA A 130 11.21 11.92 -17.46
N GLN A 131 11.69 13.01 -18.03
CA GLN A 131 11.48 13.28 -19.45
C GLN A 131 12.16 12.24 -20.33
N ASP A 132 13.32 11.74 -19.89
CA ASP A 132 14.04 10.69 -20.62
C ASP A 132 13.24 9.41 -20.64
N LEU A 133 12.82 8.97 -19.46
CA LEU A 133 12.00 7.77 -19.34
C LEU A 133 10.71 7.88 -20.13
N ALA A 134 10.15 9.08 -20.22
CA ALA A 134 8.92 9.29 -20.99
C ALA A 134 9.17 9.03 -22.47
N ARG A 135 10.24 9.61 -23.02
CA ARG A 135 10.51 9.44 -24.44
C ARG A 135 10.72 7.98 -24.80
N SER A 136 11.47 7.26 -23.95
CA SER A 136 11.74 5.85 -24.18
C SER A 136 10.48 4.98 -24.10
N TYR A 137 9.35 5.57 -23.71
CA TYR A 137 8.08 4.86 -23.69
C TYR A 137 7.22 5.28 -24.87
N GLY A 138 7.38 6.53 -25.29
CA GLY A 138 6.61 7.05 -26.41
C GLY A 138 5.40 7.84 -25.98
N ILE A 139 5.50 8.40 -24.77
CA ILE A 139 4.38 9.04 -24.08
C ILE A 139 4.82 10.34 -23.42
N PRO A 140 3.88 11.29 -23.26
CA PRO A 140 4.19 12.59 -22.66
C PRO A 140 4.52 12.51 -21.17
N TYR A 141 5.22 13.54 -20.69
CA TYR A 141 5.48 13.71 -19.28
C TYR A 141 5.06 15.12 -18.85
N ILE A 142 4.27 15.20 -17.78
CA ILE A 142 3.81 16.48 -17.25
C ILE A 142 4.11 16.55 -15.77
N GLU A 143 4.68 17.67 -15.35
CA GLU A 143 4.86 17.96 -13.94
C GLU A 143 3.66 18.74 -13.41
N THR A 144 3.03 18.20 -12.37
CA THR A 144 1.86 18.83 -11.78
C THR A 144 2.12 19.14 -10.32
N SER A 145 1.19 19.87 -9.73
CA SER A 145 1.12 20.01 -8.28
C SER A 145 -0.34 20.15 -7.90
N ALA A 146 -0.83 19.24 -7.07
CA ALA A 146 -2.22 19.29 -6.62
C ALA A 146 -2.42 20.43 -5.61
N LYS A 147 -1.35 20.78 -4.90
CA LYS A 147 -1.39 21.88 -3.95
C LYS A 147 -1.66 23.20 -4.63
N THR A 148 -1.05 23.41 -5.78
CA THR A 148 -1.10 24.70 -6.47
C THR A 148 -1.96 24.67 -7.72
N ARG A 149 -2.16 23.46 -8.26
CA ARG A 149 -2.98 23.20 -9.46
C ARG A 149 -2.23 23.38 -10.79
N GLN A 150 -0.92 23.57 -10.69
CA GLN A 150 -0.08 23.73 -11.87
C GLN A 150 0.04 22.39 -12.60
N GLY A 151 -0.38 22.37 -13.86
CA GLY A 151 -0.18 21.20 -14.69
C GLY A 151 -1.27 20.15 -14.57
N VAL A 152 -2.20 20.37 -13.65
CA VAL A 152 -3.23 19.39 -13.34
C VAL A 152 -4.22 19.25 -14.48
N GLU A 153 -4.88 20.35 -14.84
CA GLU A 153 -5.83 20.32 -15.95
C GLU A 153 -5.13 19.92 -17.23
N ASP A 154 -3.84 20.27 -17.32
CA ASP A 154 -3.00 19.81 -18.41
C ASP A 154 -2.91 18.29 -18.44
N ALA A 155 -2.44 17.72 -17.34
CA ALA A 155 -2.12 16.30 -17.27
C ALA A 155 -3.27 15.38 -17.65
N PHE A 156 -4.49 15.74 -17.26
CA PHE A 156 -5.68 14.92 -17.57
C PHE A 156 -6.15 15.12 -19.00
N TYR A 157 -6.14 16.38 -19.45
CA TYR A 157 -6.52 16.71 -20.81
C TYR A 157 -5.59 16.07 -21.83
N THR A 158 -4.29 16.11 -21.56
CA THR A 158 -3.29 15.47 -22.41
C THR A 158 -3.60 13.99 -22.61
N LEU A 159 -4.10 13.35 -21.57
CA LEU A 159 -4.42 11.93 -21.63
C LEU A 159 -5.59 11.70 -22.57
N VAL A 160 -6.54 12.63 -22.56
CA VAL A 160 -7.72 12.54 -23.42
C VAL A 160 -7.32 12.55 -24.89
N ARG A 161 -6.58 13.58 -25.28
CA ARG A 161 -6.00 13.66 -26.62
C ARG A 161 -5.30 12.36 -26.98
N GLU A 162 -4.39 11.93 -26.11
CA GLU A 162 -3.65 10.68 -26.28
C GLU A 162 -4.55 9.46 -26.51
N ILE A 163 -5.77 9.48 -25.95
CA ILE A 163 -6.77 8.44 -26.24
C ILE A 163 -7.38 8.64 -27.62
N ARG A 164 -7.66 9.90 -27.96
CA ARG A 164 -8.22 10.25 -29.25
C ARG A 164 -7.27 9.91 -30.42
N GLN A 165 -5.97 10.11 -30.22
CA GLN A 165 -4.94 9.80 -31.23
C GLN A 165 -4.56 8.30 -31.21
N HIS A 166 -5.50 7.45 -30.79
CA HIS A 166 -5.24 6.01 -30.72
C HIS A 166 -6.44 5.25 -31.30
N MET B 5 27.17 -24.49 1.93
CA MET B 5 28.21 -24.88 2.92
C MET B 5 27.55 -25.28 4.24
N PRO B 6 28.29 -25.97 5.13
CA PRO B 6 27.86 -26.17 6.52
C PRO B 6 27.40 -24.89 7.20
N GLU B 7 26.22 -24.96 7.81
CA GLU B 7 25.63 -23.85 8.56
C GLU B 7 26.66 -23.25 9.51
N GLU B 8 27.54 -24.09 10.03
CA GLU B 8 28.63 -23.68 10.88
C GLU B 8 29.42 -22.57 10.20
N GLU B 9 29.58 -22.70 8.88
CA GLU B 9 30.45 -21.81 8.12
C GLU B 9 29.91 -20.42 7.86
N TYR B 10 28.61 -20.22 8.13
CA TYR B 10 28.00 -18.91 7.96
C TYR B 10 27.95 -18.11 9.25
N SER B 11 28.43 -18.72 10.34
CA SER B 11 28.31 -18.15 11.67
C SER B 11 28.72 -16.68 11.76
N GLU B 12 29.96 -16.39 11.35
CA GLU B 12 30.50 -15.03 11.34
C GLU B 12 29.62 -14.03 10.59
N PHE B 13 28.95 -14.52 9.55
CA PHE B 13 28.04 -13.73 8.75
C PHE B 13 26.68 -13.67 9.47
N LYS B 14 26.24 -14.82 9.96
CA LYS B 14 24.97 -14.92 10.66
C LYS B 14 24.88 -13.98 11.85
N GLU B 15 26.00 -13.79 12.54
CA GLU B 15 26.00 -12.92 13.70
C GLU B 15 26.24 -11.44 13.37
N LEU B 16 26.45 -11.14 12.10
CA LEU B 16 26.52 -9.74 11.67
C LEU B 16 25.15 -9.27 11.20
N ILE B 17 24.32 -10.21 10.76
CA ILE B 17 22.96 -9.91 10.29
C ILE B 17 22.06 -9.53 11.46
N LEU B 18 22.32 -10.15 12.61
CA LEU B 18 21.40 -10.10 13.73
C LEU B 18 21.67 -8.94 14.66
N GLN B 19 22.84 -8.31 14.50
CA GLN B 19 23.24 -7.20 15.36
C GLN B 19 22.12 -6.19 15.52
N LYS B 20 21.85 -5.82 16.78
CA LYS B 20 20.62 -5.11 17.17
C LYS B 20 20.36 -3.84 16.37
N GLU B 21 21.43 -3.09 16.10
CA GLU B 21 21.36 -1.82 15.39
C GLU B 21 20.77 -2.00 14.00
N LEU B 22 20.76 -3.27 13.56
CA LEU B 22 20.14 -3.67 12.30
C LEU B 22 20.75 -2.99 11.07
N HIS B 23 22.00 -2.54 11.21
CA HIS B 23 22.67 -1.70 10.22
C HIS B 23 22.69 -2.31 8.81
N VAL B 24 23.01 -3.60 8.73
CA VAL B 24 23.05 -4.34 7.47
C VAL B 24 21.69 -4.35 6.77
N VAL B 25 20.64 -4.67 7.52
CA VAL B 25 19.30 -4.77 6.95
C VAL B 25 18.87 -3.47 6.32
N TYR B 26 19.18 -2.35 6.96
CA TYR B 26 18.84 -1.05 6.40
C TYR B 26 19.60 -0.88 5.10
N ALA B 27 20.89 -1.20 5.12
CA ALA B 27 21.71 -1.08 3.93
C ALA B 27 21.10 -1.87 2.80
N LEU B 28 20.81 -3.13 3.05
CA LEU B 28 20.14 -3.98 2.08
C LEU B 28 18.85 -3.37 1.56
N SER B 29 18.07 -2.78 2.46
CA SER B 29 16.82 -2.12 2.09
C SER B 29 17.05 -1.01 1.08
N HIS B 30 18.22 -0.36 1.16
CA HIS B 30 18.56 0.69 0.20
C HIS B 30 19.02 0.07 -1.11
N VAL B 31 19.74 -1.05 -1.04
CA VAL B 31 20.40 -1.62 -2.23
C VAL B 31 19.46 -2.44 -3.14
N CYS B 32 18.52 -3.14 -2.53
CA CYS B 32 17.59 -3.97 -3.30
C CYS B 32 16.61 -3.10 -4.05
N GLY B 33 15.63 -3.74 -4.66
CA GLY B 33 14.59 -3.00 -5.33
C GLY B 33 13.66 -3.98 -6.00
N GLN B 34 14.27 -4.95 -6.66
CA GLN B 34 13.53 -6.02 -7.32
C GLN B 34 13.65 -7.30 -6.50
N ASP B 35 14.58 -7.30 -5.54
CA ASP B 35 14.76 -8.44 -4.64
C ASP B 35 14.03 -8.25 -3.31
N ARG B 36 13.38 -7.10 -3.16
CA ARG B 36 12.61 -6.72 -1.98
C ARG B 36 11.82 -7.91 -1.44
N THR B 37 10.88 -8.40 -2.24
CA THR B 37 10.07 -9.54 -1.86
C THR B 37 10.94 -10.74 -1.45
N LEU B 38 11.83 -11.16 -2.34
CA LEU B 38 12.67 -12.32 -2.11
C LEU B 38 13.44 -12.17 -0.81
N LEU B 39 14.07 -11.01 -0.65
CA LEU B 39 14.88 -10.71 0.54
C LEU B 39 14.06 -10.81 1.82
N ALA B 40 12.85 -10.25 1.78
CA ALA B 40 11.92 -10.29 2.91
C ALA B 40 11.70 -11.71 3.42
N SER B 41 11.29 -12.61 2.52
CA SER B 41 11.12 -14.04 2.83
C SER B 41 12.34 -14.60 3.55
N ILE B 42 13.52 -14.10 3.19
CA ILE B 42 14.78 -14.62 3.71
C ILE B 42 15.10 -14.03 5.08
N LEU B 43 14.90 -12.73 5.23
CA LEU B 43 15.13 -12.10 6.52
C LEU B 43 14.12 -12.57 7.58
N LEU B 44 12.86 -12.75 7.20
CA LEU B 44 11.84 -13.15 8.17
C LEU B 44 12.13 -14.55 8.74
N ARG B 45 12.41 -15.52 7.88
CA ARG B 45 12.73 -16.86 8.33
C ARG B 45 13.94 -16.88 9.26
N ILE B 46 14.94 -16.06 8.94
CA ILE B 46 16.13 -15.98 9.78
C ILE B 46 15.74 -15.49 11.17
N PHE B 47 15.02 -14.38 11.21
CA PHE B 47 14.67 -13.74 12.48
C PHE B 47 13.58 -14.49 13.26
N LEU B 48 12.64 -15.12 12.57
CA LEU B 48 11.68 -16.01 13.22
C LEU B 48 12.36 -17.21 13.90
N HIS B 49 13.54 -17.60 13.42
CA HIS B 49 14.20 -18.81 13.92
C HIS B 49 14.84 -18.61 15.30
N GLU B 50 15.56 -17.50 15.47
CA GLU B 50 16.02 -17.12 16.80
C GLU B 50 15.13 -16.03 17.38
N LYS B 51 13.83 -16.15 17.10
CA LYS B 51 12.80 -15.39 17.81
C LYS B 51 13.18 -13.92 17.94
N LEU B 52 13.53 -13.31 16.82
CA LEU B 52 13.90 -11.91 16.80
C LEU B 52 12.99 -11.12 15.86
N GLU B 53 11.89 -11.74 15.44
CA GLU B 53 10.86 -11.09 14.63
C GLU B 53 10.64 -9.66 15.12
N SER B 54 10.56 -9.53 16.43
CA SER B 54 10.29 -8.25 17.07
C SER B 54 11.43 -7.27 16.88
N LEU B 55 12.65 -7.75 17.08
CA LEU B 55 13.84 -6.92 16.87
C LEU B 55 13.82 -6.36 15.44
N LEU B 56 13.59 -7.23 14.46
CA LEU B 56 13.65 -6.84 13.05
C LEU B 56 12.56 -5.84 12.72
N LEU B 57 11.32 -6.28 12.88
CA LEU B 57 10.16 -5.52 12.45
C LEU B 57 10.02 -4.23 13.24
N CYS B 58 10.30 -4.30 14.53
CA CYS B 58 10.15 -3.12 15.39
C CYS B 58 11.16 -2.03 15.06
N THR B 59 12.43 -2.40 14.87
CA THR B 59 13.47 -1.41 14.59
C THR B 59 13.30 -0.85 13.17
N LEU B 60 13.00 -1.74 12.22
CA LEU B 60 12.88 -1.33 10.84
C LEU B 60 11.77 -0.30 10.67
N ASN B 61 10.62 -0.58 11.27
CA ASN B 61 9.49 0.33 11.21
C ASN B 61 9.85 1.65 11.88
N ASP B 62 10.62 1.57 12.97
CA ASP B 62 11.04 2.76 13.68
C ASP B 62 11.99 3.59 12.82
N ARG B 63 12.80 2.93 12.02
CA ARG B 63 13.65 3.66 11.09
C ARG B 63 12.83 4.42 10.06
N GLU B 64 11.89 3.73 9.41
CA GLU B 64 11.05 4.40 8.42
C GLU B 64 10.33 5.61 8.99
N ILE B 65 9.89 5.50 10.24
CA ILE B 65 9.15 6.58 10.88
C ILE B 65 10.05 7.77 11.16
N SER B 66 11.26 7.49 11.66
CA SER B 66 12.21 8.54 12.01
C SER B 66 12.71 9.26 10.77
N MET B 67 12.59 8.59 9.62
CA MET B 67 13.00 9.15 8.34
C MET B 67 11.86 9.84 7.62
N GLU B 68 10.65 9.70 8.14
CA GLU B 68 9.48 10.34 7.57
C GLU B 68 9.33 11.76 8.13
N ASP B 69 9.28 12.74 7.23
CA ASP B 69 9.18 14.14 7.62
C ASP B 69 7.74 14.67 7.52
N GLU B 70 6.94 14.03 6.67
CA GLU B 70 5.52 14.37 6.56
C GLU B 70 4.69 13.17 7.02
N ALA B 71 3.81 13.41 7.98
CA ALA B 71 3.09 12.35 8.66
C ALA B 71 1.98 11.69 7.84
N THR B 72 1.28 12.46 7.02
CA THR B 72 0.14 11.94 6.25
C THR B 72 0.56 11.00 5.13
N THR B 73 1.84 10.62 5.10
CA THR B 73 2.35 9.73 4.08
C THR B 73 2.95 8.46 4.69
N LEU B 74 2.93 8.40 6.02
CA LEU B 74 3.62 7.33 6.72
C LEU B 74 3.17 5.93 6.31
N PHE B 75 4.12 5.12 5.88
CA PHE B 75 3.89 3.71 5.54
C PHE B 75 2.89 3.52 4.41
N ARG B 76 2.75 4.55 3.59
CA ARG B 76 1.83 4.48 2.48
C ARG B 76 2.47 3.85 1.24
N ALA B 77 3.76 4.10 1.04
CA ALA B 77 4.48 3.55 -0.10
C ALA B 77 5.04 2.16 0.21
N THR B 78 5.72 1.57 -0.77
CA THR B 78 6.14 0.18 -0.71
C THR B 78 7.64 0.05 -0.38
N THR B 79 7.98 0.11 0.91
CA THR B 79 9.35 -0.04 1.35
C THR B 79 9.61 -1.52 1.65
N LEU B 80 10.75 -1.83 2.28
CA LEU B 80 10.98 -3.18 2.78
C LEU B 80 10.22 -3.40 4.07
N ALA B 81 10.19 -2.38 4.91
CA ALA B 81 9.44 -2.43 6.17
C ALA B 81 7.98 -2.84 5.91
N SER B 82 7.35 -2.20 4.92
CA SER B 82 5.95 -2.48 4.63
C SER B 82 5.77 -3.81 3.90
N THR B 83 6.85 -4.38 3.41
CA THR B 83 6.79 -5.70 2.77
C THR B 83 7.00 -6.75 3.84
N LEU B 84 7.83 -6.39 4.82
CA LEU B 84 8.14 -7.26 5.93
C LEU B 84 6.90 -7.46 6.79
N MET B 85 6.17 -6.37 6.98
CA MET B 85 4.87 -6.42 7.64
C MET B 85 3.97 -7.33 6.85
N GLU B 86 3.72 -6.95 5.60
CA GLU B 86 2.89 -7.71 4.67
C GLU B 86 3.04 -9.23 4.78
N GLN B 87 4.27 -9.72 4.69
CA GLN B 87 4.47 -11.15 4.63
C GLN B 87 4.40 -11.80 6.00
N TYR B 88 4.67 -11.02 7.03
CA TYR B 88 4.56 -11.49 8.41
C TYR B 88 3.09 -11.67 8.82
N MET B 89 2.30 -10.63 8.57
CA MET B 89 0.88 -10.68 8.92
C MET B 89 0.14 -11.78 8.17
N LYS B 90 0.53 -12.03 6.92
CA LYS B 90 -0.11 -13.08 6.12
C LYS B 90 0.23 -14.44 6.73
N ALA B 91 1.24 -14.46 7.58
CA ALA B 91 1.70 -15.71 8.20
C ALA B 91 1.06 -15.96 9.56
N THR B 92 0.81 -14.89 10.30
CA THR B 92 0.37 -15.00 11.69
C THR B 92 -1.07 -14.56 11.97
N ALA B 93 -1.67 -13.79 11.06
CA ALA B 93 -3.01 -13.26 11.27
C ALA B 93 -4.01 -13.79 10.25
N THR B 94 -3.81 -15.03 9.80
CA THR B 94 -4.77 -15.70 8.95
C THR B 94 -6.05 -16.06 9.70
N GLN B 95 -5.89 -16.71 10.84
CA GLN B 95 -7.03 -17.16 11.64
C GLN B 95 -7.87 -15.96 12.05
N PHE B 96 -7.20 -14.91 12.50
CA PHE B 96 -7.85 -13.64 12.81
C PHE B 96 -8.83 -13.22 11.70
N VAL B 97 -8.33 -13.15 10.46
CA VAL B 97 -9.15 -12.75 9.32
C VAL B 97 -10.34 -13.69 9.09
N HIS B 98 -10.12 -14.99 9.26
CA HIS B 98 -11.20 -15.97 9.14
C HIS B 98 -12.28 -15.76 10.19
N HIS B 99 -11.86 -15.48 11.42
CA HIS B 99 -12.82 -15.17 12.48
C HIS B 99 -13.65 -13.94 12.14
N ALA B 100 -12.99 -12.81 11.96
CA ALA B 100 -13.64 -11.54 11.71
C ALA B 100 -14.48 -11.57 10.43
N LEU B 101 -13.94 -12.22 9.40
CA LEU B 101 -14.44 -12.01 8.06
C LEU B 101 -15.24 -13.16 7.46
N LYS B 102 -14.82 -14.41 7.67
CA LYS B 102 -15.34 -15.55 6.91
C LYS B 102 -16.87 -15.59 6.79
N ASP B 103 -17.57 -15.37 7.90
CA ASP B 103 -19.03 -15.43 7.92
C ASP B 103 -19.68 -14.32 7.10
N SER B 104 -19.18 -13.10 7.29
CA SER B 104 -19.71 -11.91 6.63
C SER B 104 -19.48 -11.97 5.11
N ILE B 105 -18.33 -12.50 4.70
CA ILE B 105 -17.98 -12.59 3.29
C ILE B 105 -18.79 -13.66 2.55
N LEU B 106 -18.90 -14.85 3.13
CA LEU B 106 -19.69 -15.93 2.54
C LEU B 106 -21.16 -15.56 2.35
N LYS B 107 -21.71 -14.81 3.31
CA LYS B 107 -23.07 -14.33 3.18
C LYS B 107 -23.21 -13.36 2.02
N ILE B 108 -22.20 -12.53 1.82
CA ILE B 108 -22.20 -11.54 0.75
C ILE B 108 -22.17 -12.22 -0.60
N MET B 109 -21.44 -13.33 -0.69
CA MET B 109 -21.33 -14.10 -1.94
C MET B 109 -22.67 -14.65 -2.38
N GLU B 110 -23.33 -15.37 -1.49
CA GLU B 110 -24.57 -16.06 -1.81
C GLU B 110 -25.74 -15.10 -1.99
N SER B 111 -25.52 -13.82 -1.69
CA SER B 111 -26.59 -12.82 -1.76
C SER B 111 -26.77 -12.33 -3.18
N LYS B 112 -27.96 -11.80 -3.44
CA LYS B 112 -28.28 -11.29 -4.76
C LYS B 112 -28.86 -9.89 -4.67
N GLN B 113 -29.19 -9.47 -3.45
CA GLN B 113 -29.58 -8.09 -3.21
C GLN B 113 -28.37 -7.18 -3.41
N SER B 114 -28.42 -6.39 -4.48
CA SER B 114 -27.36 -5.45 -4.83
C SER B 114 -27.25 -4.30 -3.84
N CYS B 115 -26.02 -3.85 -3.59
CA CYS B 115 -25.76 -2.76 -2.64
C CYS B 115 -25.43 -1.43 -3.30
N GLU B 116 -25.76 -1.30 -4.57
CA GLU B 116 -25.32 -0.14 -5.35
C GLU B 116 -25.95 1.17 -4.92
N LEU B 117 -25.13 2.18 -4.70
CA LEU B 117 -25.60 3.48 -4.25
C LEU B 117 -25.33 4.58 -5.26
N SER B 118 -24.57 4.25 -6.30
CA SER B 118 -24.05 5.24 -7.25
C SER B 118 -25.01 5.57 -8.37
N PRO B 119 -25.39 6.86 -8.50
CA PRO B 119 -26.53 7.31 -9.30
C PRO B 119 -26.36 7.04 -10.80
N SER B 120 -25.17 6.59 -11.18
CA SER B 120 -24.89 6.25 -12.56
C SER B 120 -24.71 4.76 -12.77
N LYS B 121 -24.15 4.07 -11.76
CA LYS B 121 -23.93 2.64 -11.84
C LYS B 121 -25.22 1.83 -11.65
N LEU B 122 -26.35 2.54 -11.59
CA LEU B 122 -27.63 1.94 -11.19
C LEU B 122 -28.44 1.37 -12.35
N GLU B 123 -28.97 0.17 -12.15
CA GLU B 123 -29.88 -0.45 -13.09
C GLU B 123 -31.18 0.33 -13.14
N LYS B 124 -32.04 -0.02 -14.08
CA LYS B 124 -33.35 0.61 -14.16
C LYS B 124 -34.28 0.06 -13.08
N ASN B 125 -35.03 0.96 -12.44
CA ASN B 125 -35.94 0.63 -11.34
C ASN B 125 -35.31 -0.21 -10.24
N GLU B 126 -34.01 -0.03 -10.06
CA GLU B 126 -33.29 -0.54 -8.89
C GLU B 126 -33.55 0.46 -7.76
N ASP B 127 -33.90 -0.06 -6.56
CA ASP B 127 -34.22 0.82 -5.44
C ASP B 127 -33.01 1.08 -4.57
N VAL B 128 -32.52 2.32 -4.62
CA VAL B 128 -31.29 2.70 -3.93
C VAL B 128 -31.46 2.86 -2.42
N ASN B 129 -32.71 3.00 -1.97
CA ASN B 129 -33.00 3.05 -0.53
C ASN B 129 -33.00 1.67 0.07
N THR B 130 -33.55 0.71 -0.65
CA THR B 130 -33.46 -0.69 -0.27
C THR B 130 -31.99 -1.12 -0.21
N ASN B 131 -31.22 -0.75 -1.24
CA ASN B 131 -29.78 -1.02 -1.31
C ASN B 131 -29.03 -0.54 -0.06
N LEU B 132 -29.14 0.76 0.22
CA LEU B 132 -28.47 1.40 1.35
C LEU B 132 -28.73 0.62 2.63
N THR B 133 -30.00 0.30 2.84
CA THR B 133 -30.42 -0.47 4.00
C THR B 133 -29.61 -1.75 4.15
N HIS B 134 -29.66 -2.57 3.12
CA HIS B 134 -29.05 -3.88 3.13
C HIS B 134 -27.54 -3.80 3.37
N LEU B 135 -26.90 -2.81 2.77
CA LEU B 135 -25.47 -2.64 2.91
C LEU B 135 -25.14 -2.34 4.36
N LEU B 136 -25.86 -1.37 4.93
CA LEU B 136 -25.66 -0.96 6.30
C LEU B 136 -25.76 -2.14 7.26
N ASN B 137 -26.76 -2.99 7.04
CA ASN B 137 -26.97 -4.15 7.89
C ASN B 137 -25.79 -5.12 7.84
N ILE B 138 -25.26 -5.35 6.65
CA ILE B 138 -24.05 -6.15 6.48
C ILE B 138 -22.89 -5.50 7.22
N LEU B 139 -22.75 -4.19 7.04
CA LEU B 139 -21.66 -3.43 7.64
C LEU B 139 -21.71 -3.54 9.14
N SER B 140 -22.89 -3.35 9.72
CA SER B 140 -23.11 -3.47 11.15
C SER B 140 -22.72 -4.88 11.62
N GLU B 141 -23.22 -5.88 10.91
CA GLU B 141 -22.95 -7.27 11.24
C GLU B 141 -21.46 -7.57 11.19
N LEU B 142 -20.80 -7.02 10.18
CA LEU B 142 -19.39 -7.31 9.94
C LEU B 142 -18.48 -6.70 10.99
N VAL B 143 -18.68 -5.40 11.23
CA VAL B 143 -17.79 -4.63 12.08
C VAL B 143 -17.96 -5.00 13.56
N GLU B 144 -19.17 -5.40 13.93
CA GLU B 144 -19.37 -6.06 15.23
C GLU B 144 -18.49 -7.30 15.33
N LYS B 145 -18.40 -8.06 14.25
CA LYS B 145 -17.52 -9.22 14.21
C LYS B 145 -16.06 -8.84 14.20
N ILE B 146 -15.73 -7.73 13.53
CA ILE B 146 -14.35 -7.24 13.50
C ILE B 146 -13.96 -6.73 14.87
N PHE B 147 -14.86 -5.99 15.51
CA PHE B 147 -14.53 -5.32 16.77
C PHE B 147 -14.32 -6.32 17.88
N MET B 148 -15.13 -7.37 17.88
CA MET B 148 -15.10 -8.34 18.95
C MET B 148 -14.13 -9.46 18.62
N ALA B 149 -13.12 -9.12 17.84
CA ALA B 149 -11.99 -10.00 17.59
C ALA B 149 -10.68 -9.31 17.95
N SER B 150 -10.75 -8.19 18.66
CA SER B 150 -9.55 -7.47 19.07
C SER B 150 -8.58 -8.40 19.78
N GLU B 151 -9.16 -9.29 20.58
CA GLU B 151 -8.38 -10.22 21.40
C GLU B 151 -7.84 -11.39 20.61
N ILE B 152 -8.13 -11.42 19.31
CA ILE B 152 -7.82 -12.60 18.52
C ILE B 152 -6.51 -12.42 17.77
N LEU B 153 -6.02 -11.18 17.72
CA LEU B 153 -4.70 -10.91 17.17
C LEU B 153 -3.66 -11.54 18.08
N PRO B 154 -2.77 -12.37 17.52
CA PRO B 154 -1.65 -12.93 18.29
C PRO B 154 -0.89 -11.87 19.10
N PRO B 155 -0.34 -12.25 20.26
CA PRO B 155 0.31 -11.29 21.16
C PRO B 155 1.51 -10.60 20.52
N THR B 156 2.35 -11.35 19.82
CA THR B 156 3.57 -10.80 19.25
C THR B 156 3.31 -9.75 18.16
N LEU B 157 2.28 -9.95 17.35
CA LEU B 157 1.90 -8.94 16.36
C LEU B 157 1.39 -7.67 17.03
N ARG B 158 0.62 -7.84 18.10
CA ARG B 158 0.13 -6.73 18.91
C ARG B 158 1.27 -5.89 19.49
N TYR B 159 2.34 -6.55 19.91
CA TYR B 159 3.52 -5.87 20.45
C TYR B 159 4.12 -4.92 19.42
N ILE B 160 4.23 -5.38 18.18
CA ILE B 160 4.83 -4.60 17.10
C ILE B 160 4.01 -3.36 16.74
N TYR B 161 2.70 -3.50 16.74
CA TYR B 161 1.81 -2.34 16.68
C TYR B 161 2.08 -1.41 17.88
N GLY B 162 2.39 -1.99 19.02
CA GLY B 162 2.75 -1.19 20.19
C GLY B 162 4.03 -0.45 19.92
N CYS B 163 5.03 -1.18 19.41
CA CYS B 163 6.25 -0.58 18.89
C CYS B 163 5.95 0.63 17.99
N LEU B 164 4.97 0.45 17.11
CA LEU B 164 4.61 1.47 16.12
C LEU B 164 4.07 2.71 16.78
N GLN B 165 3.33 2.54 17.86
CA GLN B 165 2.73 3.65 18.55
C GLN B 165 3.75 4.34 19.43
N LYS B 166 4.64 3.56 20.01
CA LYS B 166 5.71 4.11 20.83
C LYS B 166 6.52 5.07 19.98
N SER B 167 6.84 4.63 18.77
CA SER B 167 7.58 5.43 17.81
C SER B 167 6.88 6.74 17.46
N VAL B 168 5.66 6.67 16.92
CA VAL B 168 4.93 7.86 16.47
C VAL B 168 4.75 8.89 17.57
N GLN B 169 4.74 8.43 18.82
CA GLN B 169 4.65 9.32 19.96
C GLN B 169 5.97 10.03 20.24
N HIS B 170 7.09 9.31 20.14
CA HIS B 170 8.40 9.91 20.31
C HIS B 170 8.70 10.90 19.18
N LYS B 171 8.08 10.68 18.02
CA LYS B 171 8.31 11.49 16.82
C LYS B 171 7.36 12.68 16.75
N TRP B 172 6.07 12.44 16.90
CA TRP B 172 5.08 13.51 16.88
C TRP B 172 4.31 13.55 18.19
N PRO B 173 4.90 14.17 19.24
CA PRO B 173 4.32 14.21 20.58
C PRO B 173 3.04 15.04 20.65
N THR B 174 2.96 16.05 19.78
CA THR B 174 1.88 17.00 19.83
C THR B 174 0.65 16.52 19.05
N ASN B 175 0.79 15.39 18.39
CA ASN B 175 -0.27 14.86 17.54
C ASN B 175 -0.83 13.57 18.12
N THR B 176 -2.03 13.66 18.68
CA THR B 176 -2.63 12.53 19.38
C THR B 176 -3.32 11.54 18.45
N THR B 177 -3.51 11.94 17.19
CA THR B 177 -4.31 11.14 16.28
C THR B 177 -3.52 10.03 15.62
N MET B 178 -2.20 10.22 15.56
CA MET B 178 -1.32 9.32 14.81
C MET B 178 -1.22 7.91 15.39
N ARG B 179 -1.33 7.80 16.72
CA ARG B 179 -1.13 6.53 17.40
C ARG B 179 -2.15 5.47 16.97
N THR B 180 -3.28 5.92 16.41
CA THR B 180 -4.31 5.00 15.95
C THR B 180 -4.23 4.78 14.45
N ARG B 181 -4.11 5.89 13.72
CA ARG B 181 -3.91 5.88 12.27
C ARG B 181 -2.81 4.90 11.83
N VAL B 182 -1.67 5.00 12.49
CA VAL B 182 -0.49 4.23 12.12
C VAL B 182 -0.69 2.71 12.24
N VAL B 183 -1.69 2.32 13.03
CA VAL B 183 -2.03 0.91 13.23
C VAL B 183 -3.10 0.56 12.20
N SER B 184 -3.97 1.52 11.94
CA SER B 184 -5.07 1.35 11.01
C SER B 184 -4.53 1.06 9.63
N GLY B 185 -3.46 1.76 9.28
CA GLY B 185 -2.83 1.60 7.99
C GLY B 185 -2.26 0.22 7.71
N PHE B 186 -2.13 -0.59 8.74
CA PHE B 186 -1.68 -1.97 8.57
C PHE B 186 -2.83 -2.96 8.72
N VAL B 187 -3.50 -2.92 9.86
CA VAL B 187 -4.54 -3.91 10.16
C VAL B 187 -5.77 -3.78 9.25
N PHE B 188 -6.05 -2.57 8.79
CA PHE B 188 -7.16 -2.36 7.86
C PHE B 188 -6.65 -2.21 6.44
N LEU B 189 -5.95 -1.10 6.18
CA LEU B 189 -5.48 -0.80 4.85
C LEU B 189 -4.73 -1.96 4.22
N ARG B 190 -3.86 -2.60 5.00
CA ARG B 190 -2.97 -3.61 4.44
C ARG B 190 -3.28 -5.04 4.88
N LEU B 191 -4.42 -5.25 5.53
CA LEU B 191 -4.81 -6.60 5.96
C LEU B 191 -6.30 -6.92 5.75
N ILE B 192 -7.16 -6.10 6.34
CA ILE B 192 -8.56 -6.46 6.45
C ILE B 192 -9.27 -6.14 5.16
N CYS B 193 -9.06 -4.93 4.65
CA CYS B 193 -9.74 -4.49 3.44
C CYS B 193 -9.29 -5.26 2.20
N PRO B 194 -7.99 -5.52 2.06
CA PRO B 194 -7.56 -6.39 0.96
C PRO B 194 -8.25 -7.74 0.99
N ALA B 195 -8.36 -8.32 2.19
CA ALA B 195 -8.99 -9.63 2.37
C ALA B 195 -10.46 -9.59 2.02
N ILE B 196 -11.06 -8.41 2.14
CA ILE B 196 -12.45 -8.17 1.76
C ILE B 196 -12.63 -8.14 0.23
N LEU B 197 -11.80 -7.36 -0.47
CA LEU B 197 -11.89 -7.25 -1.93
C LEU B 197 -11.47 -8.56 -2.61
N ASN B 198 -10.47 -9.23 -2.04
CA ASN B 198 -10.00 -10.48 -2.60
C ASN B 198 -9.88 -11.57 -1.53
N PRO B 199 -10.93 -12.38 -1.35
CA PRO B 199 -11.02 -13.38 -0.28
C PRO B 199 -10.08 -14.58 -0.41
N ARG B 200 -9.32 -14.65 -1.50
CA ARG B 200 -8.41 -15.76 -1.72
C ARG B 200 -7.02 -15.47 -1.19
N MET B 201 -6.80 -14.24 -0.71
CA MET B 201 -5.53 -13.89 -0.11
C MET B 201 -5.25 -14.80 1.08
N PHE B 202 -6.27 -15.03 1.90
CA PHE B 202 -6.14 -15.85 3.09
C PHE B 202 -6.81 -17.19 2.95
N ASN B 203 -7.35 -17.43 1.75
CA ASN B 203 -8.12 -18.62 1.47
C ASN B 203 -9.40 -18.70 2.31
N ILE B 204 -10.15 -17.59 2.32
CA ILE B 204 -11.49 -17.57 2.91
C ILE B 204 -12.47 -18.21 1.93
N ILE B 205 -12.28 -17.90 0.65
CA ILE B 205 -13.11 -18.44 -0.41
C ILE B 205 -12.28 -19.31 -1.35
N SER B 206 -12.92 -19.84 -2.38
CA SER B 206 -12.25 -20.57 -3.44
C SER B 206 -12.91 -20.29 -4.80
N ASP B 207 -13.71 -19.23 -4.85
CA ASP B 207 -14.55 -18.96 -6.02
C ASP B 207 -14.61 -17.48 -6.42
N SER B 208 -14.81 -17.24 -7.71
CA SER B 208 -14.89 -15.90 -8.25
C SER B 208 -16.23 -15.24 -7.92
N PRO B 209 -16.20 -14.05 -7.31
CA PRO B 209 -17.38 -13.24 -6.97
C PRO B 209 -18.27 -12.92 -8.16
N SER B 210 -19.59 -12.91 -7.92
CA SER B 210 -20.54 -12.49 -8.94
C SER B 210 -20.41 -10.99 -9.16
N PRO B 211 -20.96 -10.47 -10.27
CA PRO B 211 -20.86 -9.04 -10.55
C PRO B 211 -21.39 -8.14 -9.43
N ILE B 212 -22.48 -8.57 -8.79
CA ILE B 212 -23.08 -7.86 -7.67
C ILE B 212 -22.21 -7.97 -6.42
N ALA B 213 -21.72 -9.19 -6.16
CA ALA B 213 -20.81 -9.45 -5.04
C ALA B 213 -19.53 -8.62 -5.12
N ALA B 214 -18.92 -8.59 -6.30
CA ALA B 214 -17.69 -7.84 -6.54
C ALA B 214 -17.88 -6.37 -6.16
N ARG B 215 -19.05 -5.84 -6.48
CA ARG B 215 -19.36 -4.44 -6.18
C ARG B 215 -19.52 -4.23 -4.69
N THR B 216 -20.21 -5.16 -4.03
CA THR B 216 -20.52 -4.99 -2.62
C THR B 216 -19.25 -5.00 -1.78
N LEU B 217 -18.33 -5.91 -2.12
CA LEU B 217 -17.02 -5.98 -1.46
C LEU B 217 -16.24 -4.67 -1.52
N ILE B 218 -16.32 -3.96 -2.64
CA ILE B 218 -15.67 -2.65 -2.76
C ILE B 218 -16.41 -1.63 -1.89
N LEU B 219 -17.73 -1.63 -2.01
CA LEU B 219 -18.60 -0.76 -1.22
C LEU B 219 -18.44 -0.98 0.29
N VAL B 220 -18.17 -2.22 0.67
CA VAL B 220 -17.97 -2.57 2.08
C VAL B 220 -16.57 -2.20 2.56
N ALA B 221 -15.56 -2.58 1.79
CA ALA B 221 -14.17 -2.27 2.14
C ALA B 221 -13.89 -0.78 2.08
N LYS B 222 -14.54 -0.08 1.15
CA LYS B 222 -14.47 1.38 1.13
C LYS B 222 -14.99 1.94 2.45
N SER B 223 -16.14 1.44 2.88
CA SER B 223 -16.79 1.89 4.10
C SER B 223 -15.94 1.59 5.30
N VAL B 224 -15.45 0.37 5.41
CA VAL B 224 -14.54 0.01 6.50
C VAL B 224 -13.29 0.90 6.51
N GLN B 225 -12.81 1.29 5.34
CA GLN B 225 -11.59 2.08 5.25
C GLN B 225 -11.81 3.52 5.72
N ASN B 226 -12.98 4.07 5.43
CA ASN B 226 -13.33 5.40 5.91
C ASN B 226 -13.37 5.45 7.43
N LEU B 227 -14.02 4.46 8.01
CA LEU B 227 -14.12 4.34 9.45
C LEU B 227 -12.74 4.17 10.05
N ALA B 228 -11.94 3.30 9.43
CA ALA B 228 -10.59 3.00 9.90
C ALA B 228 -9.71 4.25 9.90
N ASN B 229 -10.02 5.19 9.04
CA ASN B 229 -9.24 6.43 8.98
C ASN B 229 -9.90 7.49 9.83
N LEU B 230 -11.20 7.35 10.06
CA LEU B 230 -12.02 8.31 10.80
C LEU B 230 -12.47 9.47 9.94
N VAL B 231 -12.73 9.19 8.66
CA VAL B 231 -13.23 10.23 7.76
C VAL B 231 -14.66 9.97 7.31
N GLU B 232 -15.50 10.98 7.47
CA GLU B 232 -16.85 11.02 6.89
C GLU B 232 -16.75 11.11 5.37
N PHE B 233 -17.75 10.59 4.67
CA PHE B 233 -17.73 10.50 3.21
C PHE B 233 -17.83 11.86 2.50
N GLY B 234 -18.98 12.52 2.64
CA GLY B 234 -19.17 13.90 2.19
C GLY B 234 -18.24 14.49 1.12
N ALA B 235 -17.06 14.91 1.54
CA ALA B 235 -16.07 15.50 0.67
C ALA B 235 -15.31 14.43 -0.10
N LYS B 236 -15.96 13.88 -1.13
CA LYS B 236 -15.30 13.14 -2.21
C LYS B 236 -16.35 12.73 -3.24
N GLU B 237 -16.80 11.48 -3.19
CA GLU B 237 -17.96 11.08 -3.99
C GLU B 237 -19.26 11.48 -3.29
N PRO B 238 -20.30 11.86 -4.06
CA PRO B 238 -21.62 12.23 -3.51
C PRO B 238 -22.53 11.09 -3.03
N TYR B 239 -22.58 9.98 -3.78
CA TYR B 239 -23.54 8.92 -3.50
C TYR B 239 -23.33 8.28 -2.12
N MET B 240 -22.07 8.21 -1.70
CA MET B 240 -21.69 7.54 -0.46
C MET B 240 -22.20 8.22 0.81
N GLU B 241 -22.80 9.41 0.66
CA GLU B 241 -23.13 10.28 1.78
C GLU B 241 -23.99 9.64 2.89
N GLY B 242 -24.85 8.70 2.51
CA GLY B 242 -25.76 8.09 3.46
C GLY B 242 -25.23 6.84 4.15
N VAL B 243 -23.91 6.68 4.18
CA VAL B 243 -23.29 5.57 4.91
C VAL B 243 -22.64 6.17 6.17
N ASN B 244 -22.80 7.48 6.32
CA ASN B 244 -22.19 8.21 7.42
C ASN B 244 -22.73 7.92 8.82
N PRO B 245 -24.06 7.76 8.95
CA PRO B 245 -24.63 7.38 10.25
C PRO B 245 -23.85 6.24 10.88
N PHE B 246 -23.52 5.25 10.07
CA PHE B 246 -22.72 4.14 10.53
C PHE B 246 -21.35 4.61 11.06
N ILE B 247 -20.69 5.46 10.30
CA ILE B 247 -19.35 5.92 10.69
C ILE B 247 -19.41 6.70 12.01
N LYS B 248 -20.40 7.58 12.10
CA LYS B 248 -20.54 8.43 13.27
C LYS B 248 -20.85 7.61 14.52
N SER B 249 -21.64 6.54 14.36
CA SER B 249 -22.00 5.71 15.50
C SER B 249 -20.99 4.61 15.85
N ASN B 250 -19.90 4.50 15.09
CA ASN B 250 -18.85 3.52 15.40
C ASN B 250 -17.48 4.16 15.51
N LYS B 251 -17.43 5.46 15.24
CA LYS B 251 -16.18 6.22 15.23
C LYS B 251 -15.36 5.90 16.45
N HIS B 252 -15.99 5.87 17.62
CA HIS B 252 -15.26 5.64 18.85
C HIS B 252 -14.94 4.18 19.13
N ARG B 253 -15.80 3.30 18.63
CA ARG B 253 -15.59 1.86 18.72
C ARG B 253 -14.33 1.48 17.98
N MET B 254 -14.04 2.22 16.90
CA MET B 254 -12.78 2.03 16.16
C MET B 254 -11.54 2.50 16.92
N ILE B 255 -11.58 3.71 17.46
CA ILE B 255 -10.46 4.25 18.24
C ILE B 255 -10.04 3.32 19.38
N MET B 256 -11.02 2.74 20.07
CA MET B 256 -10.78 1.69 21.08
C MET B 256 -9.89 0.60 20.49
N PHE B 257 -10.37 0.04 19.39
CA PHE B 257 -9.79 -1.13 18.74
C PHE B 257 -8.32 -0.89 18.38
N LEU B 258 -8.09 0.19 17.64
CA LEU B 258 -6.76 0.50 17.12
C LEU B 258 -5.79 0.84 18.26
N ASP B 259 -6.32 1.48 19.31
CA ASP B 259 -5.49 1.82 20.44
C ASP B 259 -5.12 0.60 21.26
N GLU B 260 -6.10 -0.25 21.51
CA GLU B 260 -5.87 -1.40 22.38
C GLU B 260 -5.31 -2.60 21.65
N LEU B 261 -5.32 -2.55 20.34
CA LEU B 261 -4.68 -3.59 19.54
C LEU B 261 -3.18 -3.66 19.84
N GLY B 262 -2.60 -2.51 20.17
CA GLY B 262 -1.20 -2.50 20.58
C GLY B 262 -0.98 -2.50 22.08
N ASN B 263 -1.97 -2.93 22.85
CA ASN B 263 -1.87 -2.81 24.30
C ASN B 263 -1.07 -3.93 24.99
N VAL B 264 -0.08 -4.49 24.29
CA VAL B 264 0.84 -5.45 24.91
C VAL B 264 2.22 -4.82 24.92
N PRO B 265 2.77 -4.57 26.12
CA PRO B 265 4.13 -4.02 26.24
C PRO B 265 5.27 -4.99 26.59
N GLU B 266 4.90 -6.21 26.96
CA GLU B 266 5.86 -7.29 27.23
C GLU B 266 5.92 -8.29 26.07
N LEU B 267 7.12 -8.57 25.58
CA LEU B 267 7.35 -9.55 24.52
C LEU B 267 7.01 -11.00 24.93
N PRO B 268 6.35 -11.79 24.04
CA PRO B 268 5.68 -13.09 24.35
C PRO B 268 6.30 -14.45 24.58
N ASP B 269 7.48 -14.62 23.99
CA ASP B 269 7.87 -15.82 23.24
C ASP B 269 7.46 -17.29 23.43
N THR B 270 6.21 -17.68 23.70
CA THR B 270 5.83 -19.10 23.61
C THR B 270 5.47 -19.55 22.17
N THR B 271 5.18 -20.85 21.97
CA THR B 271 5.06 -21.42 20.62
C THR B 271 6.33 -21.15 19.82
N GLU B 272 7.47 -21.40 20.46
CA GLU B 272 8.77 -20.99 19.95
C GLU B 272 9.28 -21.92 18.85
N HIS B 273 10.03 -21.35 17.92
CA HIS B 273 10.53 -22.05 16.74
C HIS B 273 11.62 -23.05 17.09
N SER B 274 11.39 -24.32 16.78
CA SER B 274 12.33 -25.39 17.07
C SER B 274 13.63 -25.25 16.29
N ARG B 275 14.71 -25.81 16.83
CA ARG B 275 16.03 -25.69 16.24
C ARG B 275 16.17 -26.64 15.07
N THR B 276 16.27 -26.06 13.88
CA THR B 276 16.58 -26.80 12.66
C THR B 276 17.59 -25.96 11.86
N ASP B 277 17.58 -26.09 10.54
CA ASP B 277 18.72 -25.73 9.70
C ASP B 277 18.46 -24.53 8.81
N LEU B 278 19.41 -23.61 8.87
CA LEU B 278 19.24 -22.26 8.35
C LEU B 278 19.97 -22.04 7.03
N SER B 279 21.01 -22.81 6.79
CA SER B 279 21.94 -22.59 5.67
C SER B 279 21.30 -22.17 4.34
N ARG B 280 20.20 -22.82 3.97
CA ARG B 280 19.47 -22.51 2.73
C ARG B 280 19.12 -21.03 2.59
N ASP B 281 18.76 -20.40 3.70
CA ASP B 281 18.34 -19.00 3.68
C ASP B 281 19.53 -18.07 3.83
N LEU B 282 20.56 -18.54 4.55
CA LEU B 282 21.77 -17.76 4.75
C LEU B 282 22.57 -17.72 3.45
N ALA B 283 22.61 -18.86 2.76
CA ALA B 283 23.14 -18.90 1.40
C ALA B 283 22.43 -17.86 0.55
N ALA B 284 21.11 -17.95 0.50
CA ALA B 284 20.29 -17.10 -0.36
C ALA B 284 20.39 -15.61 0.00
N LEU B 285 20.73 -15.31 1.25
CA LEU B 285 20.91 -13.91 1.65
C LEU B 285 22.27 -13.42 1.22
N HIS B 286 23.29 -14.25 1.41
CA HIS B 286 24.63 -14.01 0.92
C HIS B 286 24.65 -13.77 -0.60
N GLU B 287 23.85 -14.56 -1.31
CA GLU B 287 23.73 -14.45 -2.75
C GLU B 287 23.13 -13.11 -3.16
N ILE B 288 22.29 -12.53 -2.30
CA ILE B 288 21.73 -11.21 -2.56
C ILE B 288 22.77 -10.14 -2.23
N CYS B 289 23.74 -10.47 -1.38
CA CYS B 289 24.83 -9.56 -1.08
C CYS B 289 25.82 -9.53 -2.23
N VAL B 290 26.17 -10.70 -2.74
CA VAL B 290 27.04 -10.80 -3.91
C VAL B 290 26.43 -9.93 -5.02
N ALA B 291 25.16 -10.16 -5.30
CA ALA B 291 24.47 -9.52 -6.40
C ALA B 291 24.41 -8.00 -6.25
N HIS B 292 24.60 -7.52 -5.02
CA HIS B 292 24.58 -6.09 -4.74
C HIS B 292 25.90 -5.64 -4.06
N SER B 293 26.98 -6.36 -4.34
CA SER B 293 28.28 -6.07 -3.70
C SER B 293 28.78 -4.66 -4.02
N ASP B 294 28.96 -4.39 -5.30
CA ASP B 294 29.30 -3.07 -5.81
C ASP B 294 28.52 -1.95 -5.12
N GLU B 295 27.19 -2.08 -5.13
CA GLU B 295 26.29 -1.10 -4.52
C GLU B 295 26.52 -0.93 -3.02
N LEU B 296 26.81 -2.03 -2.33
CA LEU B 296 27.09 -1.99 -0.91
C LEU B 296 28.48 -1.42 -0.63
N ARG B 297 29.37 -1.47 -1.63
CA ARG B 297 30.67 -0.80 -1.54
C ARG B 297 30.51 0.70 -1.60
N THR B 298 29.58 1.17 -2.43
CA THR B 298 29.28 2.59 -2.53
C THR B 298 28.70 3.12 -1.22
N LEU B 299 27.89 2.31 -0.56
CA LEU B 299 27.31 2.67 0.73
C LEU B 299 28.31 2.57 1.88
N SER B 300 29.28 1.67 1.75
CA SER B 300 30.33 1.53 2.74
C SER B 300 31.35 2.67 2.68
N ASN B 301 31.41 3.35 1.53
CA ASN B 301 32.32 4.48 1.33
C ASN B 301 31.96 5.69 2.18
N GLU B 302 30.69 5.77 2.56
CA GLU B 302 30.18 6.87 3.40
C GLU B 302 30.44 6.57 4.87
N ARG B 303 31.21 7.43 5.53
CA ARG B 303 31.60 7.23 6.92
C ARG B 303 30.46 7.51 7.89
N GLY B 304 30.51 6.88 9.07
CA GLY B 304 29.40 6.90 9.97
C GLY B 304 29.26 5.61 10.74
N ALA B 305 28.23 5.51 11.59
CA ALA B 305 28.07 4.40 12.52
C ALA B 305 28.00 3.02 11.85
N GLN B 306 27.37 2.99 10.68
CA GLN B 306 27.18 1.75 9.93
C GLN B 306 28.46 1.34 9.23
N GLN B 307 29.39 2.28 9.09
CA GLN B 307 30.56 2.07 8.24
C GLN B 307 31.32 0.81 8.59
N HIS B 308 31.94 0.79 9.77
CA HIS B 308 32.71 -0.36 10.23
C HIS B 308 31.96 -1.66 10.01
N VAL B 309 30.64 -1.59 10.15
CA VAL B 309 29.76 -2.73 9.95
C VAL B 309 29.70 -3.09 8.48
N LEU B 310 29.42 -2.09 7.65
CA LEU B 310 29.35 -2.27 6.20
C LEU B 310 30.69 -2.68 5.60
N LYS B 311 31.79 -2.20 6.19
CA LYS B 311 33.13 -2.67 5.86
C LYS B 311 33.21 -4.19 6.04
N LYS B 312 32.93 -4.63 7.27
CA LYS B 312 33.02 -6.03 7.65
C LYS B 312 32.10 -6.89 6.78
N LEU B 313 30.99 -6.31 6.34
CA LEU B 313 30.02 -7.03 5.54
C LEU B 313 30.66 -7.53 4.24
N LEU B 314 31.22 -6.61 3.46
CA LEU B 314 31.83 -6.92 2.17
C LEU B 314 33.02 -7.87 2.30
N ALA B 315 33.80 -7.70 3.35
CA ALA B 315 34.83 -8.67 3.72
C ALA B 315 34.24 -10.06 3.89
N ILE B 316 33.21 -10.15 4.73
CA ILE B 316 32.56 -11.43 5.00
C ILE B 316 31.94 -12.01 3.72
N THR B 317 31.27 -11.15 2.95
CA THR B 317 30.66 -11.56 1.69
C THR B 317 31.71 -12.10 0.71
N GLU B 318 32.82 -11.38 0.60
CA GLU B 318 33.92 -11.77 -0.28
C GLU B 318 34.62 -13.03 0.22
N LEU B 319 34.77 -13.13 1.54
CA LEU B 319 35.41 -14.29 2.15
C LEU B 319 34.58 -15.55 1.97
N LEU B 320 33.26 -15.39 1.95
CA LEU B 320 32.35 -16.50 1.73
C LEU B 320 32.23 -16.78 0.24
N GLN B 321 32.39 -15.74 -0.57
CA GLN B 321 32.57 -15.89 -2.02
C GLN B 321 33.70 -16.88 -2.33
N GLN B 322 34.88 -16.59 -1.79
CA GLN B 322 36.09 -17.39 -1.98
C GLN B 322 35.91 -18.84 -1.53
N LYS B 323 35.29 -19.02 -0.37
CA LYS B 323 35.19 -20.32 0.28
C LYS B 323 34.22 -21.29 -0.41
N GLN B 324 33.44 -20.78 -1.35
CA GLN B 324 32.62 -21.62 -2.21
C GLN B 324 33.29 -21.85 -3.56
#